data_7T85
#
_entry.id   7T85
#
_cell.length_a   39.979
_cell.length_b   56.660
_cell.length_c   89.479
_cell.angle_alpha   90.000
_cell.angle_beta   90.000
_cell.angle_gamma   90.000
#
_symmetry.space_group_name_H-M   'P 21 21 21'
#
loop_
_entity.id
_entity.type
_entity.pdbx_description
1 polymer 'Phosphate acetyltransferase'
2 non-polymer 'ACETIC ACID'
3 non-polymer 1,2-ETHANEDIOL
4 non-polymer 'ZINC ION'
5 water water
#
_entity_poly.entity_id   1
_entity_poly.type   'polypeptide(L)'
_entity_poly.pdbx_seq_one_letter_code
;SNA(MSE)SRII(MSE)LIPTGTSVGLTSVSLGVIRA(MSE)ERKGVRLSVFKPIAQPRTGGDAPDQTTTIVRANSSTTT
AAEPLK(MSE)SYVEGLLSSNQKDVL(MSE)EEIVANYHANTKDAEVVLVEGLVPTRKHQFAQSLNYEIAKTLNAEIVFV
(MSE)SQGTDTPEQLKERIELTRNSFGGAKNTNITGVIVNKLNAPVDEQGRTRPDLSEIFDDSSKAKVNNVDPAKLQESS
PLPVLGA
;
_entity_poly.pdbx_strand_id   A
#
loop_
_chem_comp.id
_chem_comp.type
_chem_comp.name
_chem_comp.formula
ACY non-polymer 'ACETIC ACID' 'C2 H4 O2'
EDO non-polymer 1,2-ETHANEDIOL 'C2 H6 O2'
ZN non-polymer 'ZINC ION' 'Zn 2'
#
# COMPACT_ATOMS: atom_id res chain seq x y z
N MSE A 4 6.12 -5.19 12.86
CA MSE A 4 6.60 -5.06 14.24
C MSE A 4 7.35 -3.75 14.43
O MSE A 4 7.00 -2.97 15.32
CB MSE A 4 7.52 -6.24 14.61
CG MSE A 4 8.58 -5.93 15.67
SE MSE A 4 8.30 -6.82 17.38
CE MSE A 4 7.01 -5.58 18.16
N SER A 5 8.37 -3.50 13.63
CA SER A 5 9.11 -2.25 13.74
C SER A 5 8.62 -1.20 12.75
N ARG A 6 8.19 -1.62 11.57
CA ARG A 6 7.70 -0.68 10.56
C ARG A 6 6.68 -1.37 9.67
N ILE A 7 5.49 -0.77 9.55
CA ILE A 7 4.43 -1.26 8.68
C ILE A 7 4.19 -0.21 7.61
N ILE A 8 4.41 -0.59 6.35
CA ILE A 8 4.26 0.31 5.22
C ILE A 8 3.25 -0.30 4.27
N MSE A 9 2.20 0.46 3.94
CA MSE A 9 1.22 0.02 2.96
C MSE A 9 1.38 0.76 1.64
O MSE A 9 1.36 2.00 1.60
CB MSE A 9 -0.19 0.22 3.49
CG MSE A 9 -1.24 -0.26 2.50
SE MSE A 9 -2.96 -0.38 3.34
CE MSE A 9 -3.96 -1.27 1.91
N LEU A 10 1.56 -0.01 0.57
CA LEU A 10 1.65 0.53 -0.78
C LEU A 10 0.27 0.66 -1.37
N ILE A 11 -0.11 1.87 -1.75
CA ILE A 11 -1.40 2.10 -2.41
C ILE A 11 -1.15 2.26 -3.91
N PRO A 12 -1.46 1.25 -4.72
CA PRO A 12 -1.19 1.35 -6.17
C PRO A 12 -2.29 2.13 -6.87
N THR A 13 -1.99 3.36 -7.24
CA THR A 13 -2.98 4.26 -7.84
C THR A 13 -2.83 4.25 -9.36
N GLY A 14 -3.18 3.12 -9.94
CA GLY A 14 -3.08 2.94 -11.37
C GLY A 14 -3.10 1.48 -11.74
N THR A 15 -3.62 1.19 -12.94
CA THR A 15 -3.78 -0.19 -13.38
C THR A 15 -2.45 -0.88 -13.66
N SER A 16 -1.38 -0.11 -13.92
CA SER A 16 -0.04 -0.68 -14.09
C SER A 16 0.97 0.39 -13.65
N VAL A 17 1.21 0.45 -12.35
CA VAL A 17 2.18 1.38 -11.78
C VAL A 17 3.45 0.67 -11.34
N GLY A 18 3.63 -0.59 -11.73
CA GLY A 18 4.82 -1.33 -11.33
C GLY A 18 4.85 -1.67 -9.85
N LEU A 19 3.70 -2.01 -9.27
CA LEU A 19 3.65 -2.35 -7.85
C LEU A 19 4.57 -3.51 -7.52
N THR A 20 4.61 -4.52 -8.39
CA THR A 20 5.45 -5.69 -8.15
C THR A 20 6.93 -5.32 -8.17
N SER A 21 7.32 -4.42 -9.07
CA SER A 21 8.71 -3.96 -9.10
C SER A 21 9.09 -3.30 -7.79
N VAL A 22 8.20 -2.48 -7.22
CA VAL A 22 8.51 -1.84 -5.94
C VAL A 22 8.68 -2.89 -4.85
N SER A 23 7.72 -3.81 -4.74
CA SER A 23 7.81 -4.85 -3.72
C SER A 23 9.06 -5.69 -3.90
N LEU A 24 9.39 -6.05 -5.15
CA LEU A 24 10.60 -6.83 -5.40
C LEU A 24 11.84 -6.09 -4.92
N GLY A 25 11.89 -4.78 -5.14
CA GLY A 25 13.04 -4.01 -4.69
C GLY A 25 13.15 -3.98 -3.17
N VAL A 26 12.01 -3.94 -2.48
CA VAL A 26 12.02 -3.94 -1.02
C VAL A 26 12.49 -5.30 -0.50
N ILE A 27 12.02 -6.38 -1.12
CA ILE A 27 12.48 -7.71 -0.73
C ILE A 27 14.00 -7.81 -0.83
N ARG A 28 14.56 -7.29 -1.93
N ARG A 28 14.55 -7.29 -1.93
CA ARG A 28 16.00 -7.38 -2.14
CA ARG A 28 15.99 -7.35 -2.17
C ARG A 28 16.76 -6.50 -1.14
C ARG A 28 16.75 -6.49 -1.17
N ALA A 29 16.27 -5.28 -0.90
CA ALA A 29 16.95 -4.39 0.02
C ALA A 29 16.97 -4.96 1.44
N MSE A 30 15.89 -5.60 1.86
CA MSE A 30 15.82 -6.15 3.21
C MSE A 30 16.67 -7.42 3.36
O MSE A 30 17.30 -7.63 4.41
CB MSE A 30 14.36 -6.46 3.57
CG MSE A 30 13.48 -5.21 3.64
SE MSE A 30 14.09 -3.90 4.97
CE MSE A 30 15.26 -2.79 3.89
N GLU A 31 16.68 -8.24 2.32
CA GLU A 31 17.48 -9.46 2.35
C GLU A 31 18.98 -9.14 2.47
N ARG A 32 19.43 -8.09 1.77
CA ARG A 32 20.84 -7.72 1.86
C ARG A 32 21.21 -7.19 3.23
N LYS A 33 20.24 -6.67 3.99
CA LYS A 33 20.49 -6.11 5.30
C LYS A 33 20.16 -7.08 6.43
N GLY A 34 19.73 -8.30 6.12
CA GLY A 34 19.39 -9.25 7.16
C GLY A 34 18.14 -8.89 7.94
N VAL A 35 17.29 -8.02 7.40
CA VAL A 35 16.06 -7.61 8.07
C VAL A 35 14.92 -8.54 7.66
N ARG A 36 14.21 -9.08 8.64
CA ARG A 36 13.08 -9.96 8.35
C ARG A 36 11.90 -9.17 7.81
N LEU A 37 11.43 -9.56 6.64
CA LEU A 37 10.41 -8.82 5.90
C LEU A 37 9.28 -9.76 5.53
N SER A 38 8.04 -9.33 5.78
CA SER A 38 6.87 -10.00 5.26
C SER A 38 6.15 -9.06 4.30
N VAL A 39 5.83 -9.59 3.12
CA VAL A 39 4.97 -8.89 2.17
C VAL A 39 3.57 -9.44 2.34
N PHE A 40 2.65 -8.60 2.76
CA PHE A 40 1.28 -9.01 3.05
C PHE A 40 0.33 -8.40 2.02
N LYS A 41 -0.33 -9.24 1.24
CA LYS A 41 -1.37 -8.79 0.31
C LYS A 41 -2.71 -9.24 0.87
N PRO A 42 -3.47 -8.35 1.51
CA PRO A 42 -4.70 -8.81 2.17
C PRO A 42 -5.75 -9.35 1.22
N ILE A 43 -5.88 -8.79 0.01
CA ILE A 43 -6.95 -9.14 -0.91
C ILE A 43 -6.36 -9.33 -2.31
N ALA A 44 -6.69 -10.45 -2.95
CA ALA A 44 -6.22 -10.69 -4.31
C ALA A 44 -6.95 -9.78 -5.29
N GLN A 45 -6.21 -9.31 -6.29
CA GLN A 45 -6.77 -8.41 -7.29
C GLN A 45 -6.92 -9.13 -8.62
N PRO A 46 -8.14 -9.45 -9.05
CA PRO A 46 -8.44 -10.19 -10.29
C PRO A 46 -8.28 -9.33 -11.55
N ALA A 69 0.88 -18.24 5.95
CA ALA A 69 -0.10 -19.18 6.47
C ALA A 69 -1.50 -18.87 5.95
N ALA A 70 -1.62 -17.82 5.13
CA ALA A 70 -2.92 -17.45 4.57
C ALA A 70 -2.72 -16.78 3.21
N GLU A 71 -3.50 -17.23 2.22
CA GLU A 71 -3.49 -16.62 0.91
C GLU A 71 -4.26 -15.31 0.93
N PRO A 72 -4.01 -14.43 -0.05
CA PRO A 72 -4.86 -13.24 -0.19
C PRO A 72 -6.32 -13.65 -0.36
N LEU A 73 -7.22 -12.90 0.27
CA LEU A 73 -8.64 -13.19 0.14
C LEU A 73 -9.09 -13.04 -1.31
N LYS A 74 -9.91 -13.98 -1.77
CA LYS A 74 -10.51 -13.87 -3.09
C LYS A 74 -11.48 -12.70 -3.13
N MSE A 75 -11.46 -11.95 -4.22
CA MSE A 75 -12.33 -10.79 -4.37
C MSE A 75 -13.81 -11.16 -4.21
O MSE A 75 -14.57 -10.43 -3.59
CB MSE A 75 -12.08 -10.12 -5.73
CG MSE A 75 -12.79 -8.79 -5.88
SE MSE A 75 -12.24 -7.50 -4.51
CE MSE A 75 -10.54 -6.95 -5.29
N SER A 76 -14.20 -12.33 -4.74
CA SER A 76 -15.61 -12.73 -4.64
C SER A 76 -16.00 -13.03 -3.20
N TYR A 77 -15.07 -13.54 -2.40
CA TYR A 77 -15.32 -13.71 -0.97
C TYR A 77 -15.48 -12.37 -0.28
N VAL A 78 -14.59 -11.43 -0.58
CA VAL A 78 -14.69 -10.08 -0.03
C VAL A 78 -16.04 -9.47 -0.40
N GLU A 79 -16.44 -9.60 -1.67
CA GLU A 79 -17.70 -9.04 -2.10
C GLU A 79 -18.88 -9.71 -1.41
N GLY A 80 -18.80 -11.02 -1.20
CA GLY A 80 -19.86 -11.70 -0.48
C GLY A 80 -20.02 -11.22 0.95
N LEU A 81 -18.90 -10.96 1.63
CA LEU A 81 -18.98 -10.46 3.00
C LEU A 81 -19.51 -9.03 3.04
N LEU A 82 -19.06 -8.19 2.10
CA LEU A 82 -19.60 -6.82 2.02
C LEU A 82 -21.08 -6.84 1.66
N SER A 83 -21.47 -7.69 0.70
CA SER A 83 -22.86 -7.78 0.29
C SER A 83 -23.77 -8.12 1.46
N SER A 84 -23.36 -9.09 2.27
CA SER A 84 -24.17 -9.61 3.37
C SER A 84 -24.02 -8.78 4.65
N ASN A 85 -23.47 -7.58 4.55
CA ASN A 85 -23.33 -6.66 5.68
C ASN A 85 -22.40 -7.25 6.76
N GLN A 86 -21.31 -7.88 6.33
CA GLN A 86 -20.34 -8.46 7.23
C GLN A 86 -18.96 -7.84 7.04
N LYS A 87 -18.89 -6.51 6.91
CA LYS A 87 -17.60 -5.85 6.79
C LYS A 87 -16.74 -6.07 8.03
N ASP A 88 -17.38 -6.17 9.20
CA ASP A 88 -16.62 -6.44 10.42
C ASP A 88 -15.92 -7.78 10.33
N VAL A 89 -16.64 -8.82 9.91
CA VAL A 89 -16.04 -10.13 9.69
C VAL A 89 -14.88 -10.02 8.71
N LEU A 90 -15.07 -9.25 7.63
CA LEU A 90 -14.01 -9.10 6.64
C LEU A 90 -12.75 -8.52 7.27
N MSE A 91 -12.90 -7.47 8.07
CA MSE A 91 -11.76 -6.83 8.70
C MSE A 91 -11.10 -7.76 9.73
O MSE A 91 -9.88 -7.78 9.86
CB MSE A 91 -12.17 -5.51 9.36
CG MSE A 91 -12.59 -4.44 8.37
SE MSE A 91 -11.30 -4.25 6.91
CE MSE A 91 -9.75 -3.71 7.94
N GLU A 92 -11.91 -8.53 10.47
CA GLU A 92 -11.34 -9.51 11.39
C GLU A 92 -10.48 -10.52 10.64
N GLU A 93 -10.96 -11.01 9.49
CA GLU A 93 -10.19 -11.99 8.73
C GLU A 93 -8.90 -11.40 8.20
N ILE A 94 -8.94 -10.14 7.76
CA ILE A 94 -7.73 -9.48 7.29
C ILE A 94 -6.73 -9.31 8.42
N VAL A 95 -7.20 -8.90 9.60
CA VAL A 95 -6.30 -8.74 10.75
C VAL A 95 -5.72 -10.08 11.17
N ALA A 96 -6.55 -11.12 11.21
CA ALA A 96 -6.05 -12.46 11.56
C ALA A 96 -4.99 -12.92 10.59
N ASN A 97 -5.26 -12.79 9.28
CA ASN A 97 -4.27 -13.18 8.27
C ASN A 97 -3.01 -12.33 8.37
N TYR A 98 -3.16 -11.04 8.68
CA TYR A 98 -1.99 -10.19 8.89
C TYR A 98 -1.07 -10.79 9.94
N HIS A 99 -1.64 -11.28 11.05
CA HIS A 99 -0.81 -11.82 12.13
C HIS A 99 -0.21 -13.16 11.76
N ALA A 100 -0.98 -14.01 11.08
CA ALA A 100 -0.45 -15.31 10.67
C ALA A 100 0.67 -15.16 9.65
N ASN A 101 0.68 -14.07 8.87
CA ASN A 101 1.62 -13.90 7.78
C ASN A 101 2.82 -13.05 8.14
N THR A 102 2.81 -12.40 9.31
CA THR A 102 3.89 -11.50 9.70
C THR A 102 4.56 -11.91 11.00
N LYS A 103 4.37 -13.15 11.46
CA LYS A 103 5.02 -13.60 12.68
C LYS A 103 6.53 -13.44 12.56
N ASP A 104 7.12 -12.71 13.51
CA ASP A 104 8.55 -12.41 13.59
C ASP A 104 9.04 -11.51 12.47
N ALA A 105 8.14 -10.89 11.70
CA ALA A 105 8.56 -9.89 10.74
C ALA A 105 9.00 -8.62 11.46
N GLU A 106 10.06 -7.98 10.97
CA GLU A 106 10.48 -6.68 11.46
C GLU A 106 9.96 -5.54 10.61
N VAL A 107 9.83 -5.76 9.31
CA VAL A 107 9.20 -4.82 8.39
C VAL A 107 8.07 -5.56 7.69
N VAL A 108 6.89 -4.93 7.63
CA VAL A 108 5.77 -5.48 6.88
C VAL A 108 5.47 -4.53 5.73
N LEU A 109 5.45 -5.07 4.52
CA LEU A 109 5.04 -4.35 3.33
C LEU A 109 3.64 -4.84 2.94
N VAL A 110 2.64 -3.97 3.04
CA VAL A 110 1.26 -4.32 2.72
C VAL A 110 0.93 -3.83 1.31
N GLU A 111 0.37 -4.72 0.48
CA GLU A 111 0.03 -4.38 -0.90
C GLU A 111 -1.47 -4.08 -0.99
N GLY A 112 -1.81 -2.83 -1.28
CA GLY A 112 -3.19 -2.41 -1.36
C GLY A 112 -3.84 -2.74 -2.70
N LEU A 113 -5.10 -2.33 -2.83
CA LEU A 113 -5.91 -2.59 -4.01
C LEU A 113 -5.78 -1.47 -5.03
N VAL A 114 -5.76 -1.85 -6.29
CA VAL A 114 -5.88 -0.89 -7.40
C VAL A 114 -7.35 -0.48 -7.52
N PRO A 115 -7.65 0.82 -7.61
CA PRO A 115 -9.04 1.22 -7.84
C PRO A 115 -9.49 0.94 -9.26
N THR A 116 -10.29 -0.10 -9.47
CA THR A 116 -10.76 -0.47 -10.79
C THR A 116 -12.21 -0.04 -10.98
N ARG A 117 -12.66 -0.11 -12.24
CA ARG A 117 -13.98 0.40 -12.61
C ARG A 117 -15.08 -0.29 -11.81
N LYS A 118 -14.94 -1.58 -11.54
CA LYS A 118 -16.07 -2.34 -11.04
C LYS A 118 -16.29 -2.22 -9.52
N HIS A 119 -15.31 -1.72 -8.77
CA HIS A 119 -15.32 -1.85 -7.31
C HIS A 119 -15.31 -0.49 -6.61
N GLN A 120 -16.50 0.01 -6.28
CA GLN A 120 -16.62 1.28 -5.57
C GLN A 120 -16.12 1.20 -4.13
N PHE A 121 -15.87 0.01 -3.61
CA PHE A 121 -15.37 -0.14 -2.25
C PHE A 121 -13.85 -0.19 -2.16
N ALA A 122 -13.15 -0.14 -3.30
CA ALA A 122 -11.72 -0.39 -3.31
C ALA A 122 -10.96 0.62 -2.46
N GLN A 123 -11.13 1.92 -2.74
N GLN A 123 -11.12 1.91 -2.77
CA GLN A 123 -10.34 2.92 -2.02
CA GLN A 123 -10.39 2.95 -2.04
C GLN A 123 -10.78 3.05 -0.56
C GLN A 123 -10.77 2.96 -0.57
N SER A 124 -12.06 2.82 -0.27
CA SER A 124 -12.48 2.85 1.13
C SER A 124 -11.91 1.66 1.90
N LEU A 125 -11.78 0.51 1.24
CA LEU A 125 -11.14 -0.64 1.88
C LEU A 125 -9.66 -0.39 2.10
N ASN A 126 -8.98 0.25 1.15
CA ASN A 126 -7.59 0.62 1.33
C ASN A 126 -7.40 1.49 2.57
N TYR A 127 -8.22 2.54 2.70
CA TYR A 127 -8.12 3.40 3.87
C TYR A 127 -8.40 2.63 5.16
N GLU A 128 -9.45 1.80 5.14
CA GLU A 128 -9.81 1.06 6.34
C GLU A 128 -8.72 0.08 6.74
N ILE A 129 -8.08 -0.57 5.75
CA ILE A 129 -7.02 -1.51 6.08
C ILE A 129 -5.81 -0.78 6.64
N ALA A 130 -5.40 0.31 5.99
CA ALA A 130 -4.28 1.11 6.49
C ALA A 130 -4.56 1.60 7.90
N LYS A 131 -5.78 2.11 8.13
CA LYS A 131 -6.14 2.59 9.46
C LYS A 131 -6.06 1.46 10.49
N THR A 132 -6.61 0.30 10.14
CA THR A 132 -6.66 -0.80 11.12
C THR A 132 -5.26 -1.34 11.42
N LEU A 133 -4.42 -1.47 10.40
CA LEU A 133 -3.07 -1.97 10.62
C LEU A 133 -2.11 -0.89 11.11
N ASN A 134 -2.59 0.35 11.27
CA ASN A 134 -1.73 1.47 11.68
C ASN A 134 -0.52 1.59 10.77
N ALA A 135 -0.75 1.45 9.46
CA ALA A 135 0.33 1.42 8.49
C ALA A 135 0.65 2.82 7.99
N GLU A 136 1.94 3.06 7.74
CA GLU A 136 2.33 4.21 6.95
C GLU A 136 1.89 4.01 5.51
N ILE A 137 1.42 5.07 4.88
CA ILE A 137 0.85 4.99 3.55
C ILE A 137 1.85 5.54 2.55
N VAL A 138 2.18 4.75 1.53
CA VAL A 138 3.00 5.17 0.41
C VAL A 138 2.22 4.91 -0.87
N PHE A 139 2.01 5.95 -1.67
CA PHE A 139 1.30 5.81 -2.93
C PHE A 139 2.28 5.50 -4.05
N VAL A 140 1.91 4.53 -4.89
CA VAL A 140 2.71 4.13 -6.03
C VAL A 140 2.00 4.62 -7.28
N MSE A 141 2.62 5.56 -7.98
CA MSE A 141 2.01 6.14 -9.18
C MSE A 141 2.78 5.82 -10.44
O MSE A 141 3.94 5.40 -10.38
CB MSE A 141 1.91 7.66 -9.09
CG MSE A 141 1.96 8.23 -7.71
SE MSE A 141 0.21 8.76 -7.04
CE MSE A 141 -0.60 9.40 -8.69
N SER A 142 2.12 6.06 -11.57
CA SER A 142 2.76 6.07 -12.88
C SER A 142 2.53 7.42 -13.51
N GLN A 143 3.57 7.97 -14.14
CA GLN A 143 3.45 9.25 -14.83
C GLN A 143 2.49 9.15 -16.00
N GLY A 144 2.67 8.15 -16.85
CA GLY A 144 1.78 7.98 -18.00
C GLY A 144 1.90 9.16 -18.95
N THR A 145 0.74 9.64 -19.40
CA THR A 145 0.67 10.76 -20.34
C THR A 145 0.72 12.12 -19.66
N ASP A 146 0.67 12.15 -18.33
CA ASP A 146 0.55 13.41 -17.60
C ASP A 146 1.75 14.32 -17.89
N THR A 147 1.49 15.62 -17.80
CA THR A 147 2.58 16.57 -17.61
C THR A 147 3.08 16.46 -16.18
N PRO A 148 4.27 17.00 -15.89
CA PRO A 148 4.73 17.03 -14.49
C PRO A 148 3.71 17.63 -13.54
N GLU A 149 3.04 18.71 -13.93
CA GLU A 149 2.08 19.34 -13.01
C GLU A 149 0.80 18.52 -12.89
N GLN A 150 0.37 17.88 -13.97
CA GLN A 150 -0.81 17.01 -13.89
C GLN A 150 -0.57 15.84 -12.95
N LEU A 151 0.64 15.26 -12.99
CA LEU A 151 0.98 14.19 -12.06
C LEU A 151 0.91 14.70 -10.62
N LYS A 152 1.50 15.87 -10.36
CA LYS A 152 1.48 16.42 -9.00
C LYS A 152 0.05 16.73 -8.54
N GLU A 153 -0.83 17.11 -9.46
CA GLU A 153 -2.23 17.29 -9.11
C GLU A 153 -2.87 15.99 -8.65
N ARG A 154 -2.58 14.88 -9.36
CA ARG A 154 -3.11 13.59 -8.93
C ARG A 154 -2.49 13.14 -7.62
N ILE A 155 -1.24 13.49 -7.36
CA ILE A 155 -0.61 13.12 -6.09
C ILE A 155 -1.30 13.85 -4.94
N GLU A 156 -1.52 15.15 -5.10
CA GLU A 156 -2.19 15.92 -4.06
C GLU A 156 -3.64 15.45 -3.88
N LEU A 157 -4.33 15.18 -4.99
CA LEU A 157 -5.69 14.63 -4.89
C LEU A 157 -5.68 13.32 -4.13
N THR A 158 -4.75 12.42 -4.47
CA THR A 158 -4.66 11.14 -3.77
C THR A 158 -4.42 11.33 -2.28
N ARG A 159 -3.50 12.23 -1.92
CA ARG A 159 -3.20 12.44 -0.50
C ARG A 159 -4.41 12.97 0.25
N ASN A 160 -5.13 13.93 -0.34
CA ASN A 160 -6.32 14.48 0.29
C ASN A 160 -7.40 13.41 0.48
N SER A 161 -7.49 12.45 -0.44
CA SER A 161 -8.51 11.42 -0.32
C SER A 161 -8.21 10.41 0.77
N PHE A 162 -6.99 10.38 1.31
CA PHE A 162 -6.66 9.54 2.46
C PHE A 162 -6.52 10.34 3.74
N GLY A 163 -7.00 11.57 3.76
CA GLY A 163 -6.98 12.39 4.97
C GLY A 163 -6.16 13.66 4.88
N GLY A 164 -5.36 13.83 3.83
CA GLY A 164 -4.62 15.07 3.64
C GLY A 164 -3.59 15.31 4.72
N ALA A 165 -3.37 16.58 5.03
CA ALA A 165 -2.38 16.96 6.04
C ALA A 165 -2.71 16.38 7.41
N LYS A 166 -3.98 16.09 7.68
CA LYS A 166 -4.38 15.56 8.98
C LYS A 166 -3.78 14.18 9.22
N ASN A 167 -3.91 13.28 8.23
CA ASN A 167 -3.48 11.89 8.39
C ASN A 167 -1.95 11.83 8.45
N THR A 168 -1.40 11.76 9.66
CA THR A 168 0.05 11.71 9.83
C THR A 168 0.68 10.43 9.31
N ASN A 169 -0.10 9.42 8.96
CA ASN A 169 0.48 8.17 8.46
C ASN A 169 0.83 8.22 6.98
N ILE A 170 0.38 9.24 6.24
CA ILE A 170 0.79 9.39 4.85
C ILE A 170 2.27 9.76 4.82
N THR A 171 3.08 8.91 4.18
CA THR A 171 4.52 8.99 4.32
C THR A 171 5.23 9.43 3.04
N GLY A 172 4.75 9.03 1.86
CA GLY A 172 5.41 9.46 0.65
C GLY A 172 4.79 8.83 -0.58
N VAL A 173 5.45 9.06 -1.71
CA VAL A 173 4.94 8.66 -3.01
C VAL A 173 6.10 8.09 -3.82
N ILE A 174 5.81 7.06 -4.61
CA ILE A 174 6.79 6.46 -5.51
C ILE A 174 6.28 6.61 -6.93
N VAL A 175 7.11 7.18 -7.80
CA VAL A 175 6.74 7.45 -9.19
C VAL A 175 7.66 6.63 -10.09
N ASN A 176 7.07 5.76 -10.91
CA ASN A 176 7.83 5.04 -11.93
C ASN A 176 6.96 4.74 -13.14
N ARG A 189 14.10 0.39 13.50
CA ARG A 189 13.27 0.99 12.46
C ARG A 189 14.15 1.45 11.29
N PRO A 190 14.15 0.68 10.21
CA PRO A 190 14.97 1.05 9.05
C PRO A 190 14.42 2.30 8.37
N ASP A 191 15.33 3.13 7.88
CA ASP A 191 14.93 4.34 7.17
C ASP A 191 14.25 4.00 5.86
N LEU A 192 13.39 4.92 5.39
CA LEU A 192 12.73 4.73 4.11
C LEU A 192 13.74 4.63 2.97
N SER A 193 14.82 5.40 3.06
CA SER A 193 15.89 5.31 2.07
C SER A 193 16.46 3.90 2.02
N GLU A 194 16.55 3.23 3.17
CA GLU A 194 16.99 1.84 3.19
C GLU A 194 15.92 0.91 2.63
N ILE A 195 14.65 1.17 2.96
CA ILE A 195 13.58 0.28 2.52
C ILE A 195 13.35 0.43 1.02
N PHE A 196 13.19 1.67 0.55
CA PHE A 196 12.96 1.94 -0.87
C PHE A 196 14.27 2.46 -1.48
N ASP A 197 15.14 1.53 -1.83
CA ASP A 197 16.42 1.84 -2.46
C ASP A 197 16.36 1.38 -3.91
N ASP A 198 16.27 2.35 -4.83
CA ASP A 198 16.39 2.07 -6.25
C ASP A 198 17.81 2.30 -6.77
N SER A 199 18.77 2.45 -5.88
CA SER A 199 20.15 2.77 -6.26
C SER A 199 21.09 1.59 -6.03
N LEU A 212 10.98 15.05 -9.60
CA LEU A 212 9.97 15.97 -9.07
C LEU A 212 10.11 16.09 -7.55
N GLN A 213 11.20 15.55 -7.01
CA GLN A 213 11.37 15.48 -5.56
C GLN A 213 11.48 16.86 -4.91
N GLU A 214 11.66 17.93 -5.69
CA GLU A 214 11.77 19.27 -5.11
C GLU A 214 10.38 19.86 -4.83
N SER A 215 9.46 19.75 -5.78
CA SER A 215 8.18 20.44 -5.72
C SER A 215 7.00 19.49 -5.49
N SER A 216 7.26 18.27 -5.05
CA SER A 216 6.20 17.27 -4.96
C SER A 216 5.31 17.52 -3.75
N PRO A 217 4.01 17.23 -3.86
CA PRO A 217 3.13 17.33 -2.68
C PRO A 217 3.51 16.39 -1.56
N LEU A 218 4.13 15.25 -1.88
CA LEU A 218 4.63 14.28 -0.92
C LEU A 218 6.11 14.02 -1.19
N PRO A 219 6.88 13.65 -0.16
CA PRO A 219 8.27 13.26 -0.40
C PRO A 219 8.34 12.06 -1.34
N VAL A 220 9.24 12.14 -2.31
CA VAL A 220 9.38 11.10 -3.32
C VAL A 220 10.40 10.08 -2.82
N LEU A 221 9.99 8.82 -2.73
CA LEU A 221 10.83 7.77 -2.22
C LEU A 221 11.48 6.99 -3.36
N GLY A 222 12.69 6.49 -3.11
CA GLY A 222 13.44 5.79 -4.12
C GLY A 222 13.96 6.70 -5.22
C ACY B . -1.47 -4.79 14.34
O ACY B . -0.64 -5.30 15.08
OXT ACY B . -1.25 -3.84 13.51
CH3 ACY B . -2.90 -5.25 14.32
C1 EDO C . -15.09 -10.79 -8.33
O1 EDO C . -16.28 -10.01 -8.51
C2 EDO C . -14.00 -10.31 -9.27
O2 EDO C . -13.79 -8.90 -9.05
C1 EDO D . 6.01 -9.46 -4.43
O1 EDO D . 4.61 -9.35 -4.68
C2 EDO D . 6.42 -10.93 -4.42
O2 EDO D . 6.14 -11.52 -3.15
C ACY E . 7.46 -12.47 1.51
O ACY E . 8.69 -12.33 1.49
OXT ACY E . 6.71 -12.28 2.54
CH3 ACY E . 6.67 -12.90 0.26
C1 EDO F . -18.72 -11.50 16.32
O1 EDO F . -19.81 -12.31 15.85
C2 EDO F . -17.47 -11.79 15.48
O2 EDO F . -16.31 -11.62 16.31
ZN ZN G . 21.70 -12.65 0.05
ZN ZN H . -15.32 -7.76 14.92
ZN ZN I . -15.55 -7.92 -8.46
#